data_6A05
#
_entry.id   6A05
#
_cell.length_a   49.405
_cell.length_b   64.741
_cell.length_c   100.953
_cell.angle_alpha   90.00
_cell.angle_beta   90.00
_cell.angle_gamma   90.00
#
_symmetry.space_group_name_H-M   'P 21 21 21'
#
loop_
_entity.id
_entity.type
_entity.pdbx_description
1 polymer 'Stimulator of interferon genes protein'
2 non-polymer 'SULFATE ION'
3 non-polymer "2-amino-9-[(2R,3R,3aR,5S,7aS,9R,10R,10aR,12R,14aS)-9-(6-amino-9H-purin-9-yl)-3,5,10,12-tetrahydroxy-5,12-dioxidooctahydro-2H,7H-difuro[3,2-d:3',2'-j][1,3,7,9,2,8]tetraoxadiphosphacyclododecin-2-yl]-1,9-dihydro-6H-purin-6-one"
4 water water
#
_entity_poly.entity_id   1
_entity_poly.type   'polypeptide(L)'
_entity_poly.pdbx_seq_one_letter_code
;AANFNVAHGLAWSYYIGYLRLILPGLRARIQAYNQRHKNVLGGIGNHRLHILFPLDCGVPDDLSVADPNIRFLHELPQQS
ADRAGIKGRVYTNSIYELLENGQPAGVCVLEYATPLQTLFAMSQDGRAGFSREDRLEQAKLFCRTLEDILADAPEAQNNC
RLIVYQEPTEGGSFSLSQEILRHLRQEEREVTMLEHHHHHH
;
_entity_poly.pdbx_strand_id   A,B
#
# COMPACT_ATOMS: atom_id res chain seq x y z
N ASN A 3 -8.81 -19.75 -5.22
CA ASN A 3 -7.49 -19.61 -5.85
C ASN A 3 -6.60 -18.66 -5.05
N PHE A 4 -5.63 -19.23 -4.35
CA PHE A 4 -4.74 -18.45 -3.51
C PHE A 4 -3.37 -18.25 -4.15
N ASN A 5 -3.28 -18.37 -5.47
CA ASN A 5 -2.02 -18.15 -6.18
C ASN A 5 -1.83 -16.65 -6.31
N VAL A 6 -1.15 -16.09 -5.32
CA VAL A 6 -1.19 -14.67 -5.06
C VAL A 6 0.17 -14.00 -5.19
N ALA A 7 1.27 -14.77 -5.20
CA ALA A 7 2.62 -14.22 -5.07
C ALA A 7 2.99 -13.30 -6.24
N HIS A 8 2.67 -13.70 -7.46
CA HIS A 8 2.97 -12.84 -8.62
C HIS A 8 2.31 -11.48 -8.45
N GLY A 9 1.07 -11.47 -7.99
CA GLY A 9 0.40 -10.20 -7.73
C GLY A 9 1.15 -9.39 -6.70
N LEU A 10 1.55 -10.04 -5.60
CA LEU A 10 2.21 -9.33 -4.52
C LEU A 10 3.50 -8.70 -4.99
N ALA A 11 4.26 -9.41 -5.83
CA ALA A 11 5.54 -8.87 -6.27
C ALA A 11 5.35 -7.64 -7.13
N TRP A 12 4.53 -7.77 -8.19
CA TRP A 12 4.30 -6.63 -9.07
C TRP A 12 3.64 -5.47 -8.32
N SER A 13 2.81 -5.77 -7.34
CA SER A 13 2.16 -4.70 -6.59
C SER A 13 3.16 -3.96 -5.71
N TYR A 14 4.04 -4.72 -5.04
CA TYR A 14 5.10 -4.12 -4.24
C TYR A 14 6.03 -3.29 -5.10
N TYR A 15 6.37 -3.77 -6.31
CA TYR A 15 7.30 -3.02 -7.14
C TYR A 15 6.69 -1.71 -7.60
N ILE A 16 5.52 -1.77 -8.24
CA ILE A 16 4.92 -0.57 -8.83
C ILE A 16 4.42 0.39 -7.76
N GLY A 17 3.69 -0.15 -6.77
CA GLY A 17 3.01 0.66 -5.79
C GLY A 17 3.85 1.20 -4.67
N TYR A 18 5.11 0.78 -4.57
CA TYR A 18 5.92 1.22 -3.45
C TYR A 18 7.37 1.45 -3.85
N LEU A 19 8.07 0.37 -4.25
CA LEU A 19 9.50 0.45 -4.53
C LEU A 19 9.80 1.46 -5.62
N ARG A 20 9.17 1.30 -6.79
CA ARG A 20 9.43 2.27 -7.86
C ARG A 20 8.90 3.66 -7.56
N LEU A 21 8.05 3.83 -6.55
CA LEU A 21 7.56 5.16 -6.26
C LEU A 21 8.39 5.83 -5.17
N ILE A 22 8.87 5.04 -4.20
CA ILE A 22 9.58 5.57 -3.05
C ILE A 22 11.10 5.56 -3.21
N LEU A 23 11.65 4.67 -4.04
CA LEU A 23 13.09 4.51 -4.08
C LEU A 23 13.78 5.66 -4.81
N PRO A 24 13.22 6.21 -5.89
CA PRO A 24 13.87 7.38 -6.52
C PRO A 24 14.03 8.58 -5.60
N GLY A 25 13.17 8.72 -4.58
CA GLY A 25 13.29 9.81 -3.62
C GLY A 25 14.09 9.50 -2.36
N LEU A 26 14.46 8.24 -2.13
CA LEU A 26 15.03 7.86 -0.84
C LEU A 26 16.36 8.57 -0.60
N ARG A 27 17.28 8.50 -1.56
CA ARG A 27 18.62 9.05 -1.33
C ARG A 27 18.56 10.53 -0.95
N ALA A 28 17.62 11.29 -1.52
CA ALA A 28 17.50 12.71 -1.20
C ALA A 28 16.95 12.95 0.21
N ARG A 29 16.03 12.09 0.69
CA ARG A 29 15.50 12.23 2.05
C ARG A 29 16.53 11.80 3.12
N ILE A 30 17.44 10.89 2.78
CA ILE A 30 18.59 10.62 3.65
C ILE A 30 19.56 11.81 3.66
N GLN A 31 19.88 12.35 2.49
CA GLN A 31 20.65 13.59 2.40
C GLN A 31 20.01 14.69 3.24
N ALA A 32 18.73 14.95 3.01
CA ALA A 32 18.01 16.00 3.74
C ALA A 32 18.18 15.83 5.25
N TYR A 33 18.04 14.60 5.73
CA TYR A 33 18.13 14.35 7.16
C TYR A 33 19.55 14.56 7.67
N ASN A 34 20.56 14.01 6.97
CA ASN A 34 21.95 14.32 7.26
C ASN A 34 22.17 15.81 7.40
N GLN A 35 21.60 16.60 6.48
CA GLN A 35 21.76 18.05 6.54
C GLN A 35 21.16 18.65 7.81
N ARG A 36 20.00 18.17 8.25
CA ARG A 36 19.36 18.76 9.42
C ARG A 36 20.11 18.45 10.71
N HIS A 37 20.77 17.30 10.81
CA HIS A 37 21.46 16.95 12.03
C HIS A 37 22.94 16.68 11.79
N LYS A 38 23.59 17.49 10.94
CA LYS A 38 24.88 17.05 10.41
C LYS A 38 25.95 16.99 11.49
N ASN A 39 26.23 18.11 12.14
CA ASN A 39 27.29 18.13 13.14
C ASN A 39 26.75 17.89 14.55
N VAL A 40 25.73 17.03 14.65
CA VAL A 40 25.12 16.65 15.91
C VAL A 40 24.90 15.14 15.91
N LEU A 41 24.04 14.66 15.01
CA LEU A 41 23.65 13.26 15.02
C LEU A 41 24.66 12.36 14.32
N GLY A 42 25.42 12.88 13.37
CA GLY A 42 26.27 12.00 12.59
C GLY A 42 25.53 11.44 11.39
N GLY A 43 26.25 11.25 10.29
CA GLY A 43 25.60 11.01 9.02
C GLY A 43 25.32 9.56 8.72
N ILE A 44 24.25 9.34 7.95
CA ILE A 44 23.94 8.06 7.35
C ILE A 44 24.73 7.98 6.05
N GLY A 45 25.65 7.02 5.95
CA GLY A 45 26.40 6.85 4.72
C GLY A 45 25.71 5.90 3.75
N ASN A 46 25.19 4.81 4.28
CA ASN A 46 24.46 3.86 3.45
C ASN A 46 23.11 4.46 3.05
N HIS A 47 22.87 4.59 1.75
CA HIS A 47 21.70 5.31 1.25
C HIS A 47 20.67 4.38 0.63
N ARG A 48 20.72 3.09 0.94
CA ARG A 48 19.83 2.10 0.36
C ARG A 48 18.86 1.59 1.41
N LEU A 49 17.62 1.35 0.97
CA LEU A 49 16.58 0.80 1.83
C LEU A 49 16.81 -0.69 2.05
N HIS A 50 16.91 -1.09 3.32
CA HIS A 50 17.12 -2.48 3.67
C HIS A 50 15.78 -3.14 4.04
N ILE A 51 15.37 -4.14 3.26
CA ILE A 51 14.06 -4.76 3.38
C ILE A 51 14.24 -6.17 3.93
N LEU A 52 13.67 -6.41 5.10
CA LEU A 52 13.69 -7.74 5.70
C LEU A 52 12.62 -8.65 5.11
N PHE A 53 13.03 -9.86 4.72
CA PHE A 53 12.18 -10.89 4.13
C PHE A 53 12.26 -12.16 4.97
N PRO A 54 11.50 -12.27 6.06
CA PRO A 54 11.43 -13.53 6.80
C PRO A 54 10.50 -14.51 6.12
N LEU A 55 11.04 -15.59 5.58
CA LEU A 55 10.22 -16.48 4.77
C LEU A 55 9.13 -17.19 5.56
N ASP A 56 9.13 -17.12 6.90
CA ASP A 56 7.96 -17.60 7.64
C ASP A 56 6.86 -16.57 7.73
N CYS A 57 7.08 -15.36 7.18
CA CYS A 57 6.09 -14.28 7.21
C CYS A 57 5.79 -13.84 8.63
N GLY A 58 6.80 -13.89 9.49
CA GLY A 58 6.65 -13.37 10.83
C GLY A 58 7.25 -11.98 10.96
N VAL A 59 6.41 -10.95 10.89
CA VAL A 59 6.82 -9.57 11.05
C VAL A 59 6.24 -9.07 12.40
N PRO A 60 7.04 -8.48 13.25
CA PRO A 60 6.47 -7.83 14.44
C PRO A 60 6.04 -6.40 14.11
N ASP A 61 5.14 -5.88 14.94
CA ASP A 61 4.66 -4.51 14.76
C ASP A 61 5.68 -3.46 15.20
N ASP A 62 6.64 -3.85 16.06
CA ASP A 62 7.74 -2.98 16.47
C ASP A 62 8.98 -3.88 16.62
N LEU A 63 9.83 -3.90 15.59
CA LEU A 63 11.05 -4.70 15.65
C LEU A 63 12.03 -4.13 16.67
N SER A 64 11.98 -2.81 16.91
CA SER A 64 12.85 -2.19 17.90
C SER A 64 12.73 -2.88 19.25
N VAL A 65 11.49 -3.16 19.68
CA VAL A 65 11.25 -3.85 20.95
C VAL A 65 11.39 -5.36 20.81
N ALA A 66 11.47 -5.88 19.60
CA ALA A 66 11.70 -7.31 19.40
C ALA A 66 13.15 -7.66 19.75
N ASP A 67 14.12 -7.29 18.85
CA ASP A 67 15.53 -7.57 19.14
C ASP A 67 16.13 -6.43 19.95
N PRO A 68 16.73 -6.71 21.11
CA PRO A 68 17.38 -5.65 21.89
C PRO A 68 18.67 -5.13 21.28
N ASN A 69 19.10 -5.68 20.15
CA ASN A 69 20.26 -5.17 19.43
C ASN A 69 19.85 -4.38 18.20
N ILE A 70 18.56 -4.14 18.01
CA ILE A 70 18.04 -3.26 16.96
C ILE A 70 17.29 -2.15 17.67
N ARG A 71 17.64 -0.91 17.37
CA ARG A 71 17.14 0.22 18.14
C ARG A 71 16.72 1.32 17.19
N PHE A 72 15.44 1.71 17.27
CA PHE A 72 14.94 2.83 16.49
C PHE A 72 15.77 4.08 16.75
N LEU A 73 16.16 4.74 15.67
CA LEU A 73 16.94 5.97 15.77
C LEU A 73 16.04 7.17 15.52
N HIS A 74 15.64 7.34 14.27
CA HIS A 74 14.82 8.46 13.81
C HIS A 74 14.02 7.96 12.61
N GLU A 75 12.92 8.64 12.33
CA GLU A 75 12.31 8.45 11.02
C GLU A 75 12.95 9.43 10.05
N LEU A 76 12.98 9.06 8.78
CA LEU A 76 13.36 9.98 7.72
C LEU A 76 12.32 11.09 7.61
N PRO A 77 12.67 12.18 6.94
CA PRO A 77 11.64 13.10 6.44
C PRO A 77 10.58 12.35 5.66
N GLN A 78 9.32 12.60 6.00
CA GLN A 78 8.19 12.00 5.32
C GLN A 78 8.16 12.35 3.83
N GLN A 79 7.51 11.48 3.06
CA GLN A 79 7.24 11.72 1.66
C GLN A 79 5.72 11.73 1.48
N SER A 80 5.16 12.92 1.33
CA SER A 80 3.72 13.09 1.20
C SER A 80 3.40 13.32 -0.27
N ALA A 81 2.34 12.67 -0.76
CA ALA A 81 2.02 12.71 -2.18
C ALA A 81 0.54 12.38 -2.38
N ASP A 82 -0.05 13.04 -3.37
CA ASP A 82 -1.41 12.70 -3.76
C ASP A 82 -1.38 11.37 -4.52
N ARG A 83 -2.12 10.37 -4.02
CA ARG A 83 -2.09 9.02 -4.58
C ARG A 83 -3.51 8.50 -4.86
N ALA A 84 -3.92 8.56 -6.13
CA ALA A 84 -5.17 7.94 -6.58
C ALA A 84 -6.38 8.47 -5.79
N GLY A 85 -6.50 9.78 -5.71
CA GLY A 85 -7.60 10.42 -5.02
C GLY A 85 -7.37 10.70 -3.56
N ILE A 86 -6.40 10.05 -2.94
CA ILE A 86 -6.00 10.35 -1.56
C ILE A 86 -5.03 11.53 -1.63
N LYS A 87 -5.50 12.70 -1.23
CA LYS A 87 -4.59 13.83 -1.07
C LYS A 87 -3.67 13.56 0.10
N GLY A 88 -2.39 13.88 -0.08
CA GLY A 88 -1.43 13.70 0.97
C GLY A 88 -1.31 12.31 1.57
N ARG A 89 -1.19 11.27 0.74
CA ARG A 89 -0.85 9.96 1.28
C ARG A 89 0.61 10.00 1.75
N VAL A 90 0.87 9.36 2.88
CA VAL A 90 2.15 9.47 3.57
C VAL A 90 2.89 8.14 3.49
N TYR A 91 4.17 8.21 3.08
CA TYR A 91 5.13 7.10 3.14
C TYR A 91 6.24 7.50 4.11
N THR A 92 6.43 6.72 5.16
CA THR A 92 7.49 7.01 6.11
C THR A 92 8.50 5.87 6.17
N ASN A 93 9.75 6.22 6.51
CA ASN A 93 10.81 5.22 6.62
C ASN A 93 11.67 5.55 7.82
N SER A 94 12.30 4.52 8.38
CA SER A 94 12.91 4.63 9.69
C SER A 94 14.39 4.26 9.65
N ILE A 95 15.19 5.03 10.35
CA ILE A 95 16.60 4.71 10.56
C ILE A 95 16.73 3.87 11.83
N TYR A 96 17.48 2.78 11.75
CA TYR A 96 17.71 1.95 12.90
C TYR A 96 19.21 1.83 13.17
N GLU A 97 19.53 1.60 14.43
CA GLU A 97 20.88 1.30 14.87
C GLU A 97 20.93 -0.18 15.23
N LEU A 98 22.06 -0.82 14.94
CA LEU A 98 22.26 -2.22 15.25
C LEU A 98 23.42 -2.33 16.24
N LEU A 99 23.23 -3.15 17.27
CA LEU A 99 24.24 -3.39 18.29
C LEU A 99 24.94 -4.72 18.07
N GLU A 100 26.20 -4.77 18.47
CA GLU A 100 26.97 -6.00 18.42
C GLU A 100 27.89 -6.04 19.63
N ASN A 101 27.70 -7.05 20.47
CA ASN A 101 28.55 -7.28 21.64
C ASN A 101 28.56 -6.06 22.57
N GLY A 102 27.43 -5.35 22.65
CA GLY A 102 27.32 -4.21 23.53
C GLY A 102 27.28 -2.87 22.80
N GLN A 103 28.36 -2.54 22.11
CA GLN A 103 28.45 -1.26 21.45
C GLN A 103 27.58 -1.23 20.20
N PRO A 104 27.29 -0.04 19.71
CA PRO A 104 26.68 0.06 18.39
C PRO A 104 27.64 -0.39 17.30
N ALA A 105 27.07 -0.92 16.24
CA ALA A 105 27.86 -1.40 15.11
C ALA A 105 27.26 -1.08 13.76
N GLY A 106 25.97 -0.75 13.67
CA GLY A 106 25.35 -0.45 12.39
C GLY A 106 24.26 0.59 12.48
N VAL A 107 24.12 1.37 11.42
CA VAL A 107 23.02 2.31 11.24
C VAL A 107 22.56 2.22 9.79
N CYS A 108 21.27 1.99 9.57
CA CYS A 108 20.74 1.97 8.20
C CYS A 108 19.23 2.19 8.20
N VAL A 109 18.73 2.57 7.03
CA VAL A 109 17.29 2.63 6.79
C VAL A 109 16.79 1.23 6.52
N LEU A 110 15.82 0.78 7.33
CA LEU A 110 15.47 -0.62 7.45
C LEU A 110 13.95 -0.74 7.56
N GLU A 111 13.41 -1.85 7.03
CA GLU A 111 11.99 -2.18 7.24
C GLU A 111 11.73 -3.60 6.75
N TYR A 112 10.59 -4.14 7.15
CA TYR A 112 10.09 -5.42 6.64
C TYR A 112 9.37 -5.23 5.31
N ALA A 113 9.36 -6.30 4.51
CA ALA A 113 8.59 -6.35 3.25
C ALA A 113 7.13 -6.59 3.61
N THR A 114 6.34 -5.51 3.50
CA THR A 114 4.95 -5.54 3.95
C THR A 114 4.04 -6.58 3.27
N PRO A 115 4.22 -6.97 2.00
CA PRO A 115 3.34 -8.03 1.45
C PRO A 115 3.41 -9.34 2.19
N LEU A 116 4.47 -9.61 2.93
CA LEU A 116 4.53 -10.84 3.71
C LEU A 116 3.48 -10.87 4.82
N GLN A 117 3.03 -9.69 5.28
CA GLN A 117 1.93 -9.66 6.26
C GLN A 117 0.63 -10.15 5.64
N THR A 118 0.37 -9.73 4.40
CA THR A 118 -0.77 -10.23 3.63
C THR A 118 -0.82 -11.75 3.59
N LEU A 119 0.28 -12.38 3.17
CA LEU A 119 0.39 -13.84 3.21
C LEU A 119 0.11 -14.38 4.60
N PHE A 120 0.60 -13.69 5.64
CA PHE A 120 0.38 -14.13 7.02
C PHE A 120 -1.11 -14.11 7.37
N ALA A 121 -1.77 -12.98 7.14
CA ALA A 121 -3.20 -12.90 7.41
C ALA A 121 -3.98 -13.92 6.60
N MET A 122 -3.49 -14.29 5.41
CA MET A 122 -4.24 -15.20 4.57
C MET A 122 -4.25 -16.61 5.18
N SER A 123 -3.12 -17.02 5.79
CA SER A 123 -3.05 -18.34 6.42
C SER A 123 -3.81 -18.40 7.74
N GLN A 124 -4.19 -17.25 8.32
CA GLN A 124 -4.96 -17.24 9.56
C GLN A 124 -6.45 -16.97 9.36
N ASP A 125 -6.94 -16.83 8.12
CA ASP A 125 -8.29 -16.29 7.95
C ASP A 125 -9.38 -17.37 7.93
N GLY A 126 -9.01 -18.64 8.09
CA GLY A 126 -9.97 -19.70 8.25
C GLY A 126 -10.42 -20.38 6.96
N ARG A 127 -9.82 -20.04 5.83
CA ARG A 127 -10.17 -20.65 4.56
C ARG A 127 -9.45 -21.98 4.38
N ALA A 128 -10.01 -22.83 3.53
CA ALA A 128 -9.72 -24.27 3.55
C ALA A 128 -8.30 -24.58 3.06
N GLY A 129 -7.97 -24.17 1.84
CA GLY A 129 -6.73 -24.66 1.24
C GLY A 129 -5.59 -23.65 1.21
N PHE A 130 -5.17 -23.18 2.39
CA PHE A 130 -4.05 -22.26 2.53
C PHE A 130 -3.45 -22.36 3.92
N SER A 131 -2.56 -23.32 4.09
CA SER A 131 -1.88 -23.57 5.35
C SER A 131 -0.47 -23.00 5.28
N ARG A 132 0.27 -23.13 6.39
CA ARG A 132 1.63 -22.59 6.46
C ARG A 132 2.48 -23.10 5.30
N GLU A 133 2.38 -24.40 4.99
CA GLU A 133 2.94 -24.96 3.76
C GLU A 133 2.75 -24.02 2.58
N ASP A 134 1.50 -23.69 2.30
CA ASP A 134 1.26 -22.85 1.15
C ASP A 134 1.77 -21.44 1.39
N ARG A 135 1.54 -20.89 2.58
CA ARG A 135 2.11 -19.58 2.90
C ARG A 135 3.62 -19.55 2.63
N LEU A 136 4.31 -20.65 2.97
CA LEU A 136 5.75 -20.72 2.75
C LEU A 136 6.08 -20.68 1.26
N GLU A 137 5.39 -21.48 0.44
CA GLU A 137 5.73 -21.49 -0.98
C GLU A 137 5.32 -20.20 -1.67
N GLN A 138 4.22 -19.57 -1.22
CA GLN A 138 3.87 -18.25 -1.72
C GLN A 138 4.95 -17.22 -1.38
N ALA A 139 5.45 -17.24 -0.15
CA ALA A 139 6.46 -16.25 0.25
C ALA A 139 7.75 -16.39 -0.55
N LYS A 140 8.15 -17.63 -0.85
CA LYS A 140 9.32 -17.82 -1.70
C LYS A 140 9.02 -17.45 -3.15
N LEU A 141 7.84 -17.78 -3.66
CA LEU A 141 7.55 -17.34 -5.03
C LEU A 141 7.54 -15.81 -5.10
N PHE A 142 6.93 -15.16 -4.10
CA PHE A 142 6.98 -13.71 -3.98
C PHE A 142 8.43 -13.20 -4.07
N CYS A 143 9.29 -13.67 -3.17
CA CYS A 143 10.68 -13.22 -3.19
CA CYS A 143 10.67 -13.20 -3.21
C CYS A 143 11.32 -13.49 -4.55
N ARG A 144 11.12 -14.68 -5.10
CA ARG A 144 11.71 -14.99 -6.39
CA ARG A 144 11.71 -15.00 -6.39
C ARG A 144 11.26 -14.01 -7.46
N THR A 145 9.95 -13.77 -7.56
CA THR A 145 9.44 -12.87 -8.60
C THR A 145 9.91 -11.45 -8.38
N LEU A 146 9.90 -10.97 -7.13
CA LEU A 146 10.39 -9.61 -6.91
C LEU A 146 11.85 -9.49 -7.33
N GLU A 147 12.65 -10.52 -7.07
CA GLU A 147 14.04 -10.46 -7.49
C GLU A 147 14.15 -10.47 -9.01
N ASP A 148 13.42 -11.37 -9.68
CA ASP A 148 13.41 -11.32 -11.14
C ASP A 148 13.08 -9.92 -11.63
N ILE A 149 12.10 -9.26 -11.00
CA ILE A 149 11.71 -7.91 -11.40
C ILE A 149 12.87 -6.94 -11.23
N LEU A 150 13.57 -7.00 -10.09
CA LEU A 150 14.64 -6.04 -9.84
C LEU A 150 15.84 -6.27 -10.76
N ALA A 151 16.06 -7.51 -11.21
CA ALA A 151 17.13 -7.78 -12.16
C ALA A 151 16.93 -7.04 -13.48
N ASP A 152 15.69 -6.65 -13.79
CA ASP A 152 15.42 -5.82 -14.96
C ASP A 152 15.15 -4.35 -14.61
N ALA A 153 15.33 -3.97 -13.35
CA ALA A 153 15.30 -2.56 -12.92
C ALA A 153 16.63 -2.24 -12.23
N PRO A 154 17.65 -1.81 -12.97
CA PRO A 154 18.94 -1.55 -12.31
C PRO A 154 18.88 -0.41 -11.30
N GLU A 155 18.18 0.69 -11.63
CA GLU A 155 18.12 1.83 -10.73
C GLU A 155 17.53 1.45 -9.36
N ALA A 156 16.40 0.73 -9.37
CA ALA A 156 15.79 0.26 -8.13
C ALA A 156 16.67 -0.76 -7.42
N GLN A 157 17.38 -1.59 -8.19
CA GLN A 157 18.25 -2.60 -7.59
C GLN A 157 19.43 -1.96 -6.86
N ASN A 158 19.91 -0.83 -7.36
CA ASN A 158 21.00 -0.09 -6.73
C ASN A 158 20.56 0.77 -5.56
N ASN A 159 19.24 0.93 -5.33
CA ASN A 159 18.72 1.75 -4.26
C ASN A 159 18.15 0.95 -3.10
N CYS A 160 18.09 -0.37 -3.20
CA CYS A 160 17.66 -1.16 -2.05
C CYS A 160 18.46 -2.45 -1.99
N ARG A 161 18.34 -3.13 -0.84
CA ARG A 161 18.98 -4.41 -0.62
C ARG A 161 17.97 -5.32 0.03
N LEU A 162 17.83 -6.52 -0.52
CA LEU A 162 16.90 -7.52 -0.03
C LEU A 162 17.63 -8.47 0.91
N ILE A 163 17.11 -8.62 2.12
CA ILE A 163 17.73 -9.45 3.14
C ILE A 163 16.73 -10.55 3.44
N VAL A 164 16.99 -11.75 2.89
CA VAL A 164 16.09 -12.91 2.91
C VAL A 164 16.66 -13.95 3.87
N TYR A 165 15.81 -14.49 4.74
CA TYR A 165 16.27 -15.50 5.68
C TYR A 165 15.05 -16.29 6.15
N GLN A 166 15.28 -17.55 6.49
CA GLN A 166 14.29 -18.30 7.25
C GLN A 166 14.62 -18.09 8.73
N GLU A 167 13.86 -18.70 9.63
CA GLU A 167 14.18 -18.58 11.04
C GLU A 167 14.20 -19.95 11.70
N PRO A 168 15.30 -20.33 12.35
CA PRO A 168 15.25 -21.45 13.30
C PRO A 168 14.38 -21.08 14.49
N THR A 169 13.28 -21.82 14.65
CA THR A 169 12.33 -21.57 15.71
C THR A 169 12.73 -22.26 17.03
N GLU A 170 14.02 -22.55 17.21
CA GLU A 170 14.50 -23.31 18.37
C GLU A 170 15.45 -22.48 19.24
N GLY A 171 16.74 -22.46 18.89
CA GLY A 171 17.75 -21.85 19.72
C GLY A 171 18.11 -20.44 19.29
N GLY A 172 19.17 -19.92 19.93
CA GLY A 172 19.76 -18.63 19.60
C GLY A 172 20.58 -18.72 18.33
N SER A 173 20.23 -19.71 17.52
CA SER A 173 20.88 -20.02 16.25
C SER A 173 20.89 -18.83 15.29
N PHE A 174 20.25 -17.72 15.65
CA PHE A 174 20.04 -16.61 14.72
C PHE A 174 19.83 -15.30 15.45
N SER A 175 20.67 -14.31 15.16
CA SER A 175 20.44 -12.93 15.55
C SER A 175 20.12 -12.10 14.30
N LEU A 176 19.03 -11.34 14.34
CA LEU A 176 18.64 -10.56 13.17
C LEU A 176 19.60 -9.39 12.95
N SER A 177 20.06 -8.76 14.03
CA SER A 177 21.12 -7.76 13.92
C SER A 177 22.36 -8.33 13.26
N GLN A 178 22.78 -9.51 13.69
CA GLN A 178 23.91 -10.18 13.05
C GLN A 178 23.67 -10.33 11.55
N GLU A 179 22.47 -10.79 11.17
CA GLU A 179 22.13 -10.93 9.75
C GLU A 179 22.21 -9.60 9.01
N ILE A 180 21.67 -8.53 9.61
CA ILE A 180 21.70 -7.23 8.94
C ILE A 180 23.13 -6.73 8.84
N LEU A 181 23.91 -6.88 9.91
CA LEU A 181 25.29 -6.40 9.91
C LEU A 181 26.12 -7.07 8.82
N ARG A 182 25.95 -8.39 8.64
CA ARG A 182 26.70 -9.04 7.57
C ARG A 182 26.39 -8.41 6.22
N HIS A 183 25.10 -8.12 5.95
CA HIS A 183 24.73 -7.51 4.67
C HIS A 183 25.36 -6.14 4.50
N LEU A 184 25.27 -5.29 5.52
CA LEU A 184 25.91 -3.97 5.49
C LEU A 184 27.42 -4.08 5.24
N ARG A 185 28.06 -5.10 5.80
CA ARG A 185 29.48 -5.36 5.55
C ARG A 185 29.73 -6.16 4.28
N GLN A 186 28.70 -6.41 3.46
CA GLN A 186 28.93 -6.94 2.12
C GLN A 186 28.92 -5.81 1.09
N GLU A 187 27.98 -4.86 1.24
CA GLU A 187 27.99 -3.61 0.49
C GLU A 187 29.26 -2.81 0.73
N GLU A 188 29.95 -3.10 1.85
CA GLU A 188 31.40 -2.89 2.00
C GLU A 188 32.08 -2.69 0.67
N ARG A 189 31.99 -3.71 -0.19
CA ARG A 189 32.56 -3.79 -1.55
C ARG A 189 32.23 -2.55 -2.41
N ASN B 3 5.12 -14.70 -15.91
CA ASN B 3 3.78 -14.92 -15.37
C ASN B 3 3.14 -13.59 -14.95
N PHE B 4 1.95 -13.29 -15.49
CA PHE B 4 1.27 -12.02 -15.24
C PHE B 4 -0.17 -12.21 -14.75
N ASN B 5 -0.48 -13.37 -14.16
CA ASN B 5 -1.73 -13.58 -13.44
C ASN B 5 -1.63 -12.85 -12.12
N VAL B 6 -1.90 -11.56 -12.17
CA VAL B 6 -1.59 -10.64 -11.09
C VAL B 6 -2.85 -10.30 -10.30
N ALA B 7 -4.01 -10.35 -10.97
CA ALA B 7 -5.26 -9.89 -10.36
C ALA B 7 -5.54 -10.54 -9.01
N HIS B 8 -5.27 -11.85 -8.89
CA HIS B 8 -5.59 -12.52 -7.63
C HIS B 8 -4.81 -11.92 -6.48
N GLY B 9 -3.51 -11.66 -6.68
CA GLY B 9 -2.73 -11.03 -5.64
C GLY B 9 -3.17 -9.60 -5.36
N LEU B 10 -3.66 -8.89 -6.39
CA LEU B 10 -4.13 -7.52 -6.18
C LEU B 10 -5.38 -7.50 -5.30
N ALA B 11 -6.32 -8.41 -5.57
CA ALA B 11 -7.58 -8.43 -4.82
C ALA B 11 -7.34 -8.78 -3.36
N TRP B 12 -6.64 -9.89 -3.11
CA TRP B 12 -6.33 -10.27 -1.74
C TRP B 12 -5.50 -9.21 -1.04
N SER B 13 -4.52 -8.63 -1.75
CA SER B 13 -3.72 -7.56 -1.19
C SER B 13 -4.60 -6.38 -0.79
N TYR B 14 -5.46 -5.92 -1.70
CA TYR B 14 -6.25 -4.73 -1.43
C TYR B 14 -7.23 -4.97 -0.27
N TYR B 15 -7.83 -6.15 -0.18
CA TYR B 15 -8.73 -6.38 0.95
C TYR B 15 -7.94 -6.58 2.26
N ILE B 16 -6.94 -7.46 2.27
CA ILE B 16 -6.27 -7.85 3.52
C ILE B 16 -5.41 -6.70 4.08
N GLY B 17 -4.65 -6.04 3.22
CA GLY B 17 -3.78 -4.99 3.71
C GLY B 17 -4.38 -3.61 3.73
N TYR B 18 -5.67 -3.46 3.43
CA TYR B 18 -6.27 -2.13 3.42
C TYR B 18 -7.71 -2.16 3.92
N LEU B 19 -8.61 -2.62 3.05
CA LEU B 19 -10.04 -2.58 3.34
C LEU B 19 -10.34 -3.17 4.71
N ARG B 20 -9.81 -4.36 4.96
CA ARG B 20 -10.02 -5.02 6.24
C ARG B 20 -9.56 -4.15 7.41
N LEU B 21 -8.56 -3.29 7.20
CA LEU B 21 -7.91 -2.57 8.29
C LEU B 21 -8.45 -1.15 8.52
N ILE B 22 -9.03 -0.51 7.51
CA ILE B 22 -9.53 0.86 7.63
C ILE B 22 -11.05 0.91 7.81
N LEU B 23 -11.78 0.03 7.13
CA LEU B 23 -13.24 0.08 7.19
C LEU B 23 -13.80 -0.01 8.61
N PRO B 24 -13.34 -0.93 9.48
CA PRO B 24 -13.94 -1.01 10.83
C PRO B 24 -14.06 0.32 11.56
N GLY B 25 -13.07 1.21 11.41
CA GLY B 25 -13.06 2.44 12.18
C GLY B 25 -13.40 3.66 11.36
N LEU B 26 -14.07 3.44 10.22
CA LEU B 26 -14.44 4.53 9.33
C LEU B 26 -15.64 5.32 9.86
N ARG B 27 -16.66 4.64 10.37
CA ARG B 27 -17.74 5.35 11.07
C ARG B 27 -17.19 6.29 12.13
N ALA B 28 -16.27 5.80 12.97
CA ALA B 28 -15.77 6.61 14.08
C ALA B 28 -14.97 7.82 13.61
N ARG B 29 -14.18 7.69 12.54
CA ARG B 29 -13.51 8.86 12.01
C ARG B 29 -14.51 9.85 11.40
N ILE B 30 -15.56 9.34 10.77
CA ILE B 30 -16.57 10.22 10.18
C ILE B 30 -17.27 11.02 11.26
N GLN B 31 -17.73 10.36 12.33
CA GLN B 31 -18.51 11.10 13.31
C GLN B 31 -17.63 12.00 14.17
N ALA B 32 -16.34 11.66 14.33
CA ALA B 32 -15.40 12.62 14.91
C ALA B 32 -15.26 13.84 14.04
N TYR B 33 -15.18 13.63 12.72
CA TYR B 33 -15.21 14.75 11.78
C TYR B 33 -16.53 15.53 11.89
N ASN B 34 -17.66 14.83 11.90
CA ASN B 34 -18.94 15.52 12.00
C ASN B 34 -19.02 16.37 13.26
N GLN B 35 -18.49 15.86 14.38
CA GLN B 35 -18.51 16.64 15.61
C GLN B 35 -17.60 17.86 15.50
N ARG B 36 -16.43 17.69 14.89
CA ARG B 36 -15.52 18.83 14.73
C ARG B 36 -16.13 19.91 13.85
N HIS B 37 -16.80 19.51 12.77
CA HIS B 37 -17.13 20.43 11.70
C HIS B 37 -18.64 20.68 11.54
N LYS B 38 -19.47 20.27 12.53
CA LYS B 38 -20.92 20.27 12.34
C LYS B 38 -21.47 21.65 12.03
N ASN B 39 -21.32 22.57 12.99
CA ASN B 39 -21.88 23.92 12.94
C ASN B 39 -21.19 24.81 11.91
N VAL B 40 -20.12 24.37 11.26
CA VAL B 40 -19.40 25.24 10.33
C VAL B 40 -19.37 24.60 8.97
N LEU B 41 -18.42 23.68 8.76
CA LEU B 41 -18.27 23.06 7.44
C LEU B 41 -19.48 22.22 7.06
N GLY B 42 -20.06 21.49 8.01
CA GLY B 42 -21.21 20.66 7.76
C GLY B 42 -20.88 19.17 7.87
N GLY B 43 -21.93 18.37 8.13
CA GLY B 43 -21.74 16.96 8.35
C GLY B 43 -21.57 16.17 7.06
N ILE B 44 -21.02 14.98 7.21
CA ILE B 44 -20.97 13.96 6.15
C ILE B 44 -22.09 12.97 6.45
N GLY B 45 -23.09 12.91 5.60
CA GLY B 45 -24.16 11.93 5.76
C GLY B 45 -23.75 10.50 5.45
N ASN B 46 -23.24 10.26 4.24
CA ASN B 46 -22.92 8.91 3.81
C ASN B 46 -21.64 8.42 4.46
N HIS B 47 -21.71 7.29 5.16
CA HIS B 47 -20.66 6.78 6.03
C HIS B 47 -19.73 5.79 5.32
N ARG B 48 -19.96 5.51 4.06
CA ARG B 48 -19.23 4.43 3.39
C ARG B 48 -18.11 4.99 2.51
N LEU B 49 -17.05 4.19 2.35
CA LEU B 49 -15.98 4.50 1.43
C LEU B 49 -16.39 4.14 0.00
N HIS B 50 -16.14 5.04 -0.94
CA HIS B 50 -16.57 4.85 -2.31
C HIS B 50 -15.32 4.69 -3.18
N ILE B 51 -15.15 3.51 -3.73
CA ILE B 51 -13.92 3.13 -4.41
C ILE B 51 -14.16 3.14 -5.92
N LEU B 52 -13.53 4.09 -6.61
CA LEU B 52 -13.71 4.19 -8.05
C LEU B 52 -12.87 3.10 -8.69
N PHE B 53 -13.48 2.39 -9.64
CA PHE B 53 -12.87 1.20 -10.25
C PHE B 53 -12.98 1.30 -11.77
N PRO B 54 -12.19 2.19 -12.38
CA PRO B 54 -12.25 2.29 -13.85
C PRO B 54 -11.56 1.08 -14.47
N LEU B 55 -12.25 0.42 -15.40
CA LEU B 55 -11.73 -0.81 -15.96
C LEU B 55 -10.65 -0.57 -17.00
N ASP B 56 -10.55 0.63 -17.56
CA ASP B 56 -9.44 0.88 -18.47
C ASP B 56 -8.17 1.27 -17.73
N CYS B 57 -8.21 1.19 -16.40
CA CYS B 57 -7.07 1.45 -15.52
C CYS B 57 -6.53 2.87 -15.64
N GLY B 58 -7.37 3.82 -16.04
CA GLY B 58 -6.99 5.22 -16.02
C GLY B 58 -7.20 5.89 -14.68
N VAL B 59 -6.15 5.96 -13.87
CA VAL B 59 -6.24 6.35 -12.46
C VAL B 59 -5.33 7.53 -12.18
N PRO B 60 -5.75 8.76 -12.49
CA PRO B 60 -4.96 9.94 -12.11
C PRO B 60 -4.88 10.03 -10.59
N ASP B 61 -3.93 10.83 -10.13
CA ASP B 61 -3.78 10.94 -8.69
C ASP B 61 -4.68 12.02 -8.11
N ASP B 62 -5.12 12.96 -8.94
CA ASP B 62 -5.99 14.05 -8.53
C ASP B 62 -7.34 13.86 -9.21
N LEU B 63 -8.41 13.79 -8.41
CA LEU B 63 -9.73 13.48 -8.91
C LEU B 63 -10.30 14.62 -9.73
N SER B 64 -9.98 15.87 -9.36
CA SER B 64 -10.42 17.03 -10.13
C SER B 64 -9.86 17.01 -11.54
N VAL B 65 -8.68 16.42 -11.74
CA VAL B 65 -8.12 16.29 -13.08
C VAL B 65 -8.95 15.33 -13.92
N ALA B 66 -9.57 14.33 -13.29
CA ALA B 66 -10.44 13.41 -14.03
C ALA B 66 -11.84 13.96 -14.27
N ASP B 67 -12.25 15.02 -13.55
CA ASP B 67 -13.55 15.68 -13.67
C ASP B 67 -13.55 16.96 -12.84
N PRO B 68 -13.67 18.14 -13.46
CA PRO B 68 -13.68 19.38 -12.68
C PRO B 68 -14.85 19.48 -11.72
N ASN B 69 -15.91 18.71 -11.92
CA ASN B 69 -17.04 18.76 -11.00
C ASN B 69 -16.79 17.96 -9.73
N ILE B 70 -15.61 17.38 -9.58
CA ILE B 70 -15.22 16.67 -8.37
C ILE B 70 -14.17 17.52 -7.69
N ARG B 71 -14.57 18.21 -6.62
CA ARG B 71 -13.72 19.13 -5.92
C ARG B 71 -13.40 18.58 -4.53
N PHE B 72 -12.13 18.67 -4.17
CA PHE B 72 -11.70 18.31 -2.83
C PHE B 72 -12.38 19.20 -1.80
N LEU B 73 -12.97 18.58 -0.78
CA LEU B 73 -13.62 19.25 0.33
C LEU B 73 -12.75 19.36 1.58
N HIS B 74 -12.18 18.24 2.03
CA HIS B 74 -11.46 18.17 3.31
C HIS B 74 -10.87 16.77 3.47
N GLU B 75 -9.75 16.71 4.18
CA GLU B 75 -9.16 15.43 4.56
C GLU B 75 -9.96 14.78 5.68
N LEU B 76 -10.10 13.48 5.59
CA LEU B 76 -10.59 12.70 6.72
C LEU B 76 -9.38 12.24 7.54
N PRO B 77 -9.07 12.88 8.67
CA PRO B 77 -7.80 12.59 9.34
C PRO B 77 -7.79 11.25 10.08
N GLN B 78 -6.56 10.80 10.37
CA GLN B 78 -6.15 9.93 11.48
C GLN B 78 -4.93 9.13 11.03
N GLY B 88 4.13 4.07 13.17
CA GLY B 88 3.73 3.05 12.21
C GLY B 88 3.22 3.62 10.91
N ARG B 89 2.26 2.91 10.30
CA ARG B 89 1.68 3.26 9.01
C ARG B 89 0.36 4.02 9.20
N VAL B 90 0.20 5.12 8.49
CA VAL B 90 -0.91 6.04 8.68
C VAL B 90 -1.90 5.90 7.55
N TYR B 91 -3.20 6.00 7.87
CA TYR B 91 -4.27 5.86 6.90
C TYR B 91 -5.15 7.10 6.93
N THR B 92 -5.05 7.94 5.90
CA THR B 92 -5.94 9.07 5.72
C THR B 92 -6.80 8.88 4.48
N ASN B 93 -7.94 9.56 4.46
CA ASN B 93 -8.82 9.53 3.30
C ASN B 93 -9.25 10.95 2.97
N SER B 94 -9.98 11.09 1.88
CA SER B 94 -10.33 12.39 1.32
C SER B 94 -11.84 12.47 1.12
N ILE B 95 -12.45 13.52 1.67
CA ILE B 95 -13.85 13.80 1.40
C ILE B 95 -13.92 14.75 0.22
N TYR B 96 -14.77 14.42 -0.74
CA TYR B 96 -14.95 15.22 -1.93
C TYR B 96 -16.40 15.67 -2.02
N GLU B 97 -16.62 16.78 -2.73
CA GLU B 97 -17.96 17.21 -3.04
C GLU B 97 -18.18 17.20 -4.55
N LEU B 98 -19.38 16.82 -4.96
CA LEU B 98 -19.73 16.63 -6.36
C LEU B 98 -20.60 17.78 -6.82
N LEU B 99 -20.16 18.48 -7.86
CA LEU B 99 -20.90 19.60 -8.42
C LEU B 99 -21.84 19.09 -9.52
N GLU B 100 -23.02 19.67 -9.59
CA GLU B 100 -23.96 19.38 -10.66
C GLU B 100 -24.68 20.69 -10.98
N ASN B 101 -24.65 21.08 -12.25
CA ASN B 101 -25.23 22.36 -12.69
C ASN B 101 -24.63 23.51 -11.90
N GLY B 102 -23.31 23.48 -11.72
CA GLY B 102 -22.59 24.52 -11.02
C GLY B 102 -22.79 24.55 -9.52
N GLN B 103 -23.65 23.69 -8.98
CA GLN B 103 -24.02 23.69 -7.58
C GLN B 103 -23.58 22.38 -6.92
N PRO B 104 -23.27 22.42 -5.63
CA PRO B 104 -22.89 21.18 -4.93
C PRO B 104 -24.06 20.23 -4.80
N ALA B 105 -23.88 18.98 -5.27
CA ALA B 105 -24.94 17.99 -5.29
C ALA B 105 -24.66 16.74 -4.46
N GLY B 106 -23.44 16.54 -3.98
CA GLY B 106 -23.17 15.36 -3.17
C GLY B 106 -21.83 15.44 -2.48
N VAL B 107 -21.71 14.81 -1.32
CA VAL B 107 -20.46 14.75 -0.57
C VAL B 107 -20.24 13.30 -0.16
N CYS B 108 -18.99 12.84 -0.25
CA CYS B 108 -18.63 11.50 0.20
C CYS B 108 -17.12 11.33 0.30
N VAL B 109 -16.73 10.40 1.16
CA VAL B 109 -15.38 9.88 1.13
C VAL B 109 -15.21 9.06 -0.14
N LEU B 110 -14.21 9.39 -0.94
CA LEU B 110 -14.06 8.88 -2.29
C LEU B 110 -12.58 8.71 -2.62
N GLU B 111 -12.26 7.66 -3.36
CA GLU B 111 -10.90 7.42 -3.82
C GLU B 111 -10.95 6.34 -4.90
N TYR B 112 -9.85 6.18 -5.60
CA TYR B 112 -9.63 5.13 -6.58
C TYR B 112 -9.10 3.86 -5.92
N ALA B 113 -9.28 2.73 -6.59
CA ALA B 113 -8.62 1.46 -6.21
C ALA B 113 -7.18 1.50 -6.73
N THR B 114 -6.25 1.96 -5.88
CA THR B 114 -4.89 2.20 -6.32
C THR B 114 -4.27 1.05 -7.12
N PRO B 115 -4.43 -0.24 -6.73
CA PRO B 115 -3.80 -1.32 -7.51
C PRO B 115 -4.03 -1.29 -9.01
N LEU B 116 -5.12 -0.65 -9.47
CA LEU B 116 -5.30 -0.51 -10.92
C LEU B 116 -4.13 0.22 -11.57
N GLN B 117 -3.51 1.17 -10.85
CA GLN B 117 -2.29 1.80 -11.33
C GLN B 117 -1.17 0.79 -11.55
N THR B 118 -1.12 -0.27 -10.73
CA THR B 118 -0.18 -1.36 -11.01
C THR B 118 -0.49 -2.01 -12.35
N LEU B 119 -1.77 -2.30 -12.63
CA LEU B 119 -2.12 -2.85 -13.93
C LEU B 119 -1.70 -1.92 -15.05
N PHE B 120 -1.98 -0.62 -14.89
CA PHE B 120 -1.66 0.34 -15.94
C PHE B 120 -0.17 0.34 -16.27
N ALA B 121 0.68 0.54 -15.27
CA ALA B 121 2.13 0.65 -15.48
C ALA B 121 2.70 -0.61 -16.11
N MET B 122 2.12 -1.77 -15.79
CA MET B 122 2.50 -3.04 -16.40
C MET B 122 2.27 -3.04 -17.91
N SER B 123 1.20 -2.39 -18.38
CA SER B 123 0.94 -2.38 -19.82
C SER B 123 1.90 -1.45 -20.56
N GLN B 124 2.39 -0.40 -19.88
CA GLN B 124 3.28 0.58 -20.52
C GLN B 124 4.71 0.06 -20.73
N ASP B 125 5.05 -1.11 -20.18
CA ASP B 125 6.43 -1.64 -20.12
C ASP B 125 7.31 -1.35 -21.34
N ALA B 128 8.00 -5.43 -21.82
CA ALA B 128 7.80 -6.75 -21.20
C ALA B 128 6.62 -7.49 -21.85
N GLY B 129 5.87 -8.26 -21.07
CA GLY B 129 4.91 -9.18 -21.69
C GLY B 129 3.43 -8.96 -21.48
N PHE B 130 2.99 -7.70 -21.29
CA PHE B 130 1.64 -7.40 -20.84
C PHE B 130 1.00 -6.39 -21.77
N SER B 131 -0.10 -6.78 -22.42
CA SER B 131 -0.81 -5.94 -23.40
C SER B 131 -2.05 -5.30 -22.79
N ARG B 132 -2.70 -4.43 -23.59
CA ARG B 132 -3.86 -3.68 -23.11
C ARG B 132 -5.07 -4.58 -22.87
N GLU B 133 -5.25 -5.61 -23.68
CA GLU B 133 -6.33 -6.57 -23.45
C GLU B 133 -6.03 -7.41 -22.22
N ASP B 134 -4.80 -7.92 -22.13
CA ASP B 134 -4.33 -8.58 -20.91
C ASP B 134 -4.67 -7.74 -19.67
N ARG B 135 -4.38 -6.43 -19.75
CA ARG B 135 -4.70 -5.49 -18.68
C ARG B 135 -6.19 -5.46 -18.35
N LEU B 136 -7.03 -5.23 -19.37
CA LEU B 136 -8.48 -5.18 -19.15
C LEU B 136 -8.97 -6.47 -18.50
N GLU B 137 -8.40 -7.61 -18.89
CA GLU B 137 -8.88 -8.86 -18.29
C GLU B 137 -8.38 -9.06 -16.86
N GLN B 138 -7.17 -8.57 -16.54
CA GLN B 138 -6.76 -8.58 -15.14
C GLN B 138 -7.61 -7.61 -14.32
N ALA B 139 -7.89 -6.44 -14.87
CA ALA B 139 -8.77 -5.49 -14.19
C ALA B 139 -10.11 -6.12 -13.90
N LYS B 140 -10.65 -6.89 -14.84
CA LYS B 140 -11.96 -7.50 -14.63
C LYS B 140 -11.86 -8.63 -13.64
N LEU B 141 -10.76 -9.41 -13.71
CA LEU B 141 -10.52 -10.47 -12.73
C LEU B 141 -10.28 -9.91 -11.34
N PHE B 142 -9.45 -8.87 -11.24
CA PHE B 142 -9.30 -8.14 -9.98
C PHE B 142 -10.68 -7.76 -9.42
N CYS B 143 -11.56 -7.22 -10.26
CA CYS B 143 -12.85 -6.75 -9.75
CA CYS B 143 -12.89 -6.78 -9.82
C CYS B 143 -13.70 -7.92 -9.22
N ARG B 144 -13.84 -8.98 -10.01
CA ARG B 144 -14.67 -10.13 -9.60
C ARG B 144 -14.17 -10.72 -8.30
N THR B 145 -12.85 -10.93 -8.17
CA THR B 145 -12.33 -11.58 -6.98
C THR B 145 -12.58 -10.73 -5.73
N LEU B 146 -12.28 -9.43 -5.82
CA LEU B 146 -12.56 -8.55 -4.68
C LEU B 146 -14.05 -8.55 -4.33
N GLU B 147 -14.93 -8.44 -5.34
CA GLU B 147 -16.37 -8.54 -5.06
C GLU B 147 -16.74 -9.89 -4.49
N ASP B 148 -16.07 -10.96 -4.93
CA ASP B 148 -16.25 -12.26 -4.29
C ASP B 148 -15.87 -12.18 -2.82
N ILE B 149 -14.77 -11.49 -2.51
CA ILE B 149 -14.31 -11.42 -1.13
C ILE B 149 -15.26 -10.57 -0.28
N LEU B 150 -15.78 -9.48 -0.84
CA LEU B 150 -16.68 -8.62 -0.07
C LEU B 150 -17.98 -9.35 0.26
N ALA B 151 -18.52 -10.11 -0.70
CA ALA B 151 -19.75 -10.85 -0.45
C ALA B 151 -19.62 -11.79 0.74
N ASP B 152 -18.39 -12.20 1.04
CA ASP B 152 -18.07 -13.12 2.13
C ASP B 152 -17.74 -12.41 3.43
N ALA B 153 -17.83 -11.08 3.46
CA ALA B 153 -17.42 -10.30 4.63
C ALA B 153 -18.44 -9.20 4.80
N PRO B 154 -19.56 -9.48 5.47
CA PRO B 154 -20.63 -8.48 5.58
C PRO B 154 -20.18 -7.24 6.33
N GLU B 155 -19.37 -7.44 7.37
CA GLU B 155 -18.59 -6.41 8.04
C GLU B 155 -18.09 -5.38 7.04
N ALA B 156 -17.17 -5.79 6.18
CA ALA B 156 -16.57 -4.86 5.22
C ALA B 156 -17.57 -4.49 4.13
N GLN B 157 -18.39 -5.43 3.69
CA GLN B 157 -19.31 -5.18 2.58
C GLN B 157 -20.24 -4.00 2.85
N ASN B 158 -20.72 -3.85 4.09
CA ASN B 158 -21.66 -2.77 4.39
C ASN B 158 -21.01 -1.41 4.56
N ASN B 159 -19.68 -1.30 4.58
CA ASN B 159 -19.06 0.00 4.79
C ASN B 159 -18.21 0.48 3.62
N CYS B 160 -18.44 -0.05 2.42
CA CYS B 160 -17.80 0.46 1.21
C CYS B 160 -18.67 0.11 0.02
N ARG B 161 -18.31 0.68 -1.13
CA ARG B 161 -19.04 0.49 -2.38
C ARG B 161 -18.07 0.65 -3.54
N LEU B 162 -17.98 -0.36 -4.39
CA LEU B 162 -17.25 -0.22 -5.63
C LEU B 162 -18.09 0.55 -6.65
N ILE B 163 -17.44 1.40 -7.44
CA ILE B 163 -18.08 2.16 -8.50
C ILE B 163 -17.33 1.81 -9.77
N VAL B 164 -17.83 0.82 -10.52
CA VAL B 164 -17.16 0.20 -11.65
C VAL B 164 -17.70 0.77 -12.97
N TYR B 165 -16.81 1.11 -13.89
CA TYR B 165 -17.17 1.77 -15.14
C TYR B 165 -16.03 1.58 -16.14
N GLN B 166 -16.30 1.87 -17.42
CA GLN B 166 -15.33 1.54 -18.45
C GLN B 166 -14.83 2.69 -19.31
N GLU B 167 -15.32 3.95 -19.09
CA GLU B 167 -14.88 5.10 -19.89
C GLU B 167 -13.56 5.66 -19.39
N PRO B 168 -12.72 6.21 -20.30
CA PRO B 168 -11.57 7.01 -19.85
C PRO B 168 -12.04 8.25 -19.09
N THR B 169 -11.88 8.20 -17.78
CA THR B 169 -12.46 9.18 -16.85
C THR B 169 -12.24 10.63 -17.27
N GLY B 171 -11.97 13.29 -19.29
CA GLY B 171 -12.17 14.00 -20.54
C GLY B 171 -13.15 13.27 -21.44
N GLY B 172 -14.35 13.82 -21.58
CA GLY B 172 -15.36 13.24 -22.44
C GLY B 172 -16.74 13.83 -22.14
N SER B 173 -17.75 13.22 -22.76
CA SER B 173 -19.15 13.49 -22.41
C SER B 173 -19.70 12.46 -21.43
N PHE B 174 -18.82 11.62 -20.89
CA PHE B 174 -19.11 10.81 -19.71
C PHE B 174 -18.77 11.63 -18.47
N SER B 175 -19.74 11.76 -17.57
CA SER B 175 -19.57 12.56 -16.35
C SER B 175 -19.33 11.61 -15.19
N LEU B 176 -18.07 11.56 -14.72
CA LEU B 176 -17.79 10.69 -13.58
C LEU B 176 -18.53 11.16 -12.34
N SER B 177 -18.68 12.48 -12.19
CA SER B 177 -19.46 13.00 -11.07
C SER B 177 -20.91 12.50 -11.10
N GLN B 178 -21.51 12.41 -12.29
CA GLN B 178 -22.88 11.90 -12.38
C GLN B 178 -22.94 10.43 -11.99
N GLU B 179 -21.99 9.63 -12.45
CA GLU B 179 -21.89 8.23 -12.05
C GLU B 179 -21.85 8.09 -10.52
N ILE B 180 -21.04 8.91 -9.84
CA ILE B 180 -20.98 8.85 -8.37
C ILE B 180 -22.31 9.29 -7.75
N LEU B 181 -22.84 10.42 -8.20
CA LEU B 181 -24.11 10.89 -7.62
C LEU B 181 -25.21 9.86 -7.79
N ARG B 182 -25.16 9.08 -8.88
CA ARG B 182 -26.13 8.01 -9.09
C ARG B 182 -26.02 6.96 -7.99
N HIS B 183 -24.80 6.47 -7.74
CA HIS B 183 -24.63 5.46 -6.71
C HIS B 183 -25.02 6.02 -5.34
N LEU B 184 -24.69 7.29 -5.08
CA LEU B 184 -25.01 7.89 -3.78
C LEU B 184 -26.51 7.91 -3.51
N ARG B 185 -27.31 8.23 -4.52
CA ARG B 185 -28.75 8.23 -4.34
C ARG B 185 -29.30 6.82 -4.18
N GLN B 186 -28.74 5.84 -4.92
CA GLN B 186 -29.21 4.46 -4.79
C GLN B 186 -28.93 3.90 -3.40
N GLU B 187 -27.84 4.36 -2.79
CA GLU B 187 -27.51 3.91 -1.44
C GLU B 187 -28.45 4.53 -0.41
N GLU B 188 -28.80 5.80 -0.59
CA GLU B 188 -29.79 6.41 0.29
C GLU B 188 -31.13 5.69 0.18
N ARG B 189 -31.40 5.04 -0.96
CA ARG B 189 -32.69 4.41 -1.21
C ARG B 189 -32.90 3.14 -0.38
N GLU B 190 -31.83 2.38 -0.12
CA GLU B 190 -31.95 1.14 0.63
C GLU B 190 -31.61 1.31 2.11
N VAL B 191 -31.50 2.55 2.59
CA VAL B 191 -31.22 2.79 4.01
C VAL B 191 -32.50 2.62 4.84
#